data_4GCN
#
_entry.id   4GCN
#
_cell.length_a   37.212
_cell.length_b   64.199
_cell.length_c   124.933
_cell.angle_alpha   90.000
_cell.angle_beta   90.000
_cell.angle_gamma   90.000
#
_symmetry.space_group_name_H-M   'P 21 21 21'
#
loop_
_entity.id
_entity.type
_entity.pdbx_description
1 polymer 'Protein STI-1'
2 non-polymer 'TRIETHYLENE GLYCOL'
3 water water
#
_entity_poly.entity_id   1
_entity_poly.type   'polypeptide(L)'
_entity_poly.pdbx_seq_one_letter_code
;SNAMTDAAIAEKDLGNAAYKQKDFEKAHVHYDKAIELDPSNITFYNNKAAVYFEEKKFAECVQFCEKAVEVGRETRADYK
LIAKAMSRAGNAFQKQNDLSLAVQWFHRSLSEFRDPELVKKVKELEK
;
_entity_poly.pdbx_strand_id   A,B
#
# COMPACT_ATOMS: atom_id res chain seq x y z
N SER A 1 -19.25 20.70 5.34
CA SER A 1 -19.83 20.36 6.66
C SER A 1 -20.27 21.62 7.46
N ASN A 2 -19.33 22.42 8.00
CA ASN A 2 -19.68 23.54 8.91
C ASN A 2 -18.89 24.86 8.74
N ALA A 3 -19.13 25.82 9.65
CA ALA A 3 -18.44 27.10 9.59
C ALA A 3 -16.90 26.93 9.59
N MET A 4 -16.40 26.04 10.44
CA MET A 4 -14.98 25.82 10.57
C MET A 4 -14.41 25.12 9.32
N THR A 5 -15.08 24.07 8.86
CA THR A 5 -14.55 23.32 7.73
C THR A 5 -14.57 24.16 6.42
N ASP A 6 -15.55 25.03 6.26
CA ASP A 6 -15.53 25.97 5.14
C ASP A 6 -14.44 26.98 5.28
N ALA A 7 -14.27 27.53 6.51
CA ALA A 7 -13.19 28.46 6.82
C ALA A 7 -11.83 27.85 6.45
N ALA A 8 -11.64 26.58 6.77
CA ALA A 8 -10.40 25.92 6.48
C ALA A 8 -10.13 25.87 4.99
N ILE A 9 -11.15 25.52 4.23
CA ILE A 9 -11.01 25.48 2.79
C ILE A 9 -10.60 26.86 2.23
N ALA A 10 -11.17 27.95 2.77
CA ALA A 10 -10.88 29.28 2.30
C ALA A 10 -9.39 29.57 2.55
N GLU A 11 -8.87 29.20 3.70
CA GLU A 11 -7.44 29.31 3.93
C GLU A 11 -6.58 28.48 2.95
N LYS A 12 -7.04 27.28 2.61
CA LYS A 12 -6.35 26.44 1.63
C LYS A 12 -6.26 27.17 0.29
N ASP A 13 -7.33 27.80 -0.09
CA ASP A 13 -7.39 28.50 -1.37
C ASP A 13 -6.38 29.67 -1.37
N LEU A 14 -6.24 30.32 -0.22
CA LEU A 14 -5.24 31.39 -0.07
C LEU A 14 -3.84 30.78 -0.13
N GLY A 15 -3.65 29.67 0.54
CA GLY A 15 -2.37 28.93 0.41
C GLY A 15 -2.00 28.57 -1.05
N ASN A 16 -2.99 28.08 -1.83
CA ASN A 16 -2.78 27.70 -3.21
C ASN A 16 -2.36 28.92 -4.00
N ALA A 17 -2.95 30.07 -3.74
CA ALA A 17 -2.60 31.28 -4.51
C ALA A 17 -1.13 31.71 -4.25
N ALA A 18 -0.67 31.61 -3.01
CA ALA A 18 0.74 31.84 -2.69
C ALA A 18 1.62 30.76 -3.36
N TYR A 19 1.17 29.51 -3.27
CA TYR A 19 1.93 28.40 -3.81
C TYR A 19 2.15 28.55 -5.28
N LYS A 20 1.12 29.03 -5.96
CA LYS A 20 1.17 29.27 -7.40
C LYS A 20 2.16 30.38 -7.80
N GLN A 21 2.47 31.27 -6.88
CA GLN A 21 3.47 32.33 -7.18
C GLN A 21 4.86 31.97 -6.65
N LYS A 22 4.98 30.75 -6.16
CA LYS A 22 6.23 30.30 -5.57
C LYS A 22 6.58 31.11 -4.34
N ASP A 23 5.56 31.56 -3.62
CA ASP A 23 5.75 32.15 -2.36
C ASP A 23 5.53 31.07 -1.33
N PHE A 24 6.56 30.27 -1.10
CA PHE A 24 6.37 29.10 -0.25
C PHE A 24 6.11 29.37 1.22
N GLU A 25 6.73 30.41 1.76
CA GLU A 25 6.51 30.81 3.17
CA GLU A 25 6.51 30.77 3.17
C GLU A 25 5.04 31.12 3.47
N LYS A 26 4.45 31.96 2.63
CA LYS A 26 3.05 32.39 2.73
C LYS A 26 2.12 31.17 2.52
N ALA A 27 2.53 30.26 1.63
CA ALA A 27 1.71 29.05 1.35
C ALA A 27 1.59 28.26 2.61
N HIS A 28 2.73 28.04 3.29
CA HIS A 28 2.73 27.32 4.57
C HIS A 28 1.86 28.01 5.64
N VAL A 29 1.96 29.33 5.75
CA VAL A 29 1.17 30.14 6.72
C VAL A 29 -0.33 29.80 6.63
N HIS A 30 -0.83 29.87 5.40
CA HIS A 30 -2.20 29.59 5.12
C HIS A 30 -2.60 28.15 5.29
N TYR A 31 -1.76 27.22 4.81
CA TYR A 31 -2.10 25.79 4.96
C TYR A 31 -2.10 25.44 6.43
N ASP A 32 -1.22 26.07 7.19
CA ASP A 32 -1.15 25.83 8.64
C ASP A 32 -2.42 26.34 9.31
N LYS A 33 -2.88 27.48 8.85
CA LYS A 33 -4.16 28.04 9.29
C LYS A 33 -5.31 27.08 8.92
N ALA A 34 -5.24 26.50 7.73
CA ALA A 34 -6.26 25.49 7.34
C ALA A 34 -6.32 24.31 8.32
N ILE A 35 -5.15 23.78 8.67
CA ILE A 35 -5.04 22.68 9.57
C ILE A 35 -5.49 23.07 10.97
N GLU A 36 -5.20 24.29 11.38
CA GLU A 36 -5.72 24.80 12.65
C GLU A 36 -7.25 24.79 12.72
N LEU A 37 -7.89 25.19 11.63
CA LEU A 37 -9.36 25.23 11.53
C LEU A 37 -10.02 23.85 11.37
N ASP A 38 -9.36 22.95 10.64
CA ASP A 38 -9.89 21.64 10.33
C ASP A 38 -8.72 20.68 10.06
N PRO A 39 -8.22 20.09 11.14
CA PRO A 39 -7.15 19.10 11.05
C PRO A 39 -7.55 17.73 10.48
N SER A 40 -8.82 17.53 10.15
CA SER A 40 -9.32 16.26 9.64
CA SER A 40 -9.23 16.24 9.64
C SER A 40 -9.32 16.18 8.12
N ASN A 41 -8.87 17.24 7.45
CA ASN A 41 -8.90 17.29 5.96
C ASN A 41 -7.54 16.95 5.34
N ILE A 42 -7.48 15.78 4.74
CA ILE A 42 -6.26 15.27 4.10
C ILE A 42 -5.63 16.25 3.10
N THR A 43 -6.45 16.98 2.36
CA THR A 43 -5.96 17.87 1.30
C THR A 43 -4.89 18.83 1.86
N PHE A 44 -5.05 19.26 3.10
CA PHE A 44 -4.10 20.29 3.63
C PHE A 44 -2.72 19.71 3.85
N TYR A 45 -2.70 18.44 4.28
CA TYR A 45 -1.45 17.70 4.53
C TYR A 45 -0.72 17.36 3.25
N ASN A 46 -1.49 17.02 2.22
CA ASN A 46 -0.91 16.78 0.94
C ASN A 46 -0.41 18.10 0.35
N ASN A 47 -1.16 19.22 0.51
CA ASN A 47 -0.70 20.48 -0.10
C ASN A 47 0.57 20.96 0.61
N LYS A 48 0.68 20.79 1.93
CA LYS A 48 1.89 21.15 2.62
C LYS A 48 3.11 20.31 2.17
N ALA A 49 2.88 19.02 1.95
CA ALA A 49 3.89 18.11 1.39
C ALA A 49 4.41 18.55 0.05
N ALA A 50 3.50 18.99 -0.81
CA ALA A 50 3.85 19.48 -2.11
C ALA A 50 4.72 20.73 -2.03
N VAL A 51 4.41 21.63 -1.12
CA VAL A 51 5.26 22.81 -0.91
C VAL A 51 6.65 22.37 -0.46
N TYR A 52 6.72 21.51 0.56
CA TYR A 52 8.01 21.05 1.06
C TYR A 52 8.85 20.40 -0.02
N PHE A 53 8.23 19.64 -0.90
CA PHE A 53 8.93 18.97 -1.97
C PHE A 53 9.56 20.00 -2.92
N GLU A 54 8.81 21.05 -3.27
CA GLU A 54 9.37 22.11 -4.17
CA GLU A 54 9.27 22.19 -4.09
C GLU A 54 10.46 22.90 -3.50
N GLU A 55 10.42 23.01 -2.16
CA GLU A 55 11.47 23.65 -1.36
C GLU A 55 12.71 22.79 -1.17
N LYS A 56 12.64 21.55 -1.61
CA LYS A 56 13.68 20.54 -1.40
C LYS A 56 13.82 20.15 0.09
N LYS A 57 12.76 20.36 0.85
CA LYS A 57 12.68 19.88 2.23
C LYS A 57 12.09 18.48 2.17
N PHE A 58 12.87 17.51 1.73
CA PHE A 58 12.27 16.22 1.40
C PHE A 58 11.88 15.43 2.67
N ALA A 59 12.63 15.63 3.73
CA ALA A 59 12.28 14.91 5.01
C ALA A 59 10.98 15.46 5.58
N GLU A 60 10.80 16.79 5.49
CA GLU A 60 9.51 17.39 5.91
C GLU A 60 8.32 16.96 5.01
N CYS A 61 8.55 16.87 3.71
CA CYS A 61 7.57 16.35 2.77
C CYS A 61 7.08 14.97 3.21
N VAL A 62 8.02 14.07 3.46
CA VAL A 62 7.71 12.73 3.94
C VAL A 62 6.86 12.78 5.19
N GLN A 63 7.24 13.65 6.12
CA GLN A 63 6.53 13.77 7.41
C GLN A 63 5.08 14.16 7.18
N PHE A 64 4.84 15.04 6.25
CA PHE A 64 3.47 15.41 5.96
C PHE A 64 2.69 14.38 5.16
N CYS A 65 3.40 13.58 4.35
CA CYS A 65 2.77 12.45 3.69
C CYS A 65 2.31 11.44 4.71
N GLU A 66 3.11 11.24 5.71
CA GLU A 66 2.79 10.30 6.77
C GLU A 66 1.53 10.77 7.55
N LYS A 67 1.52 12.06 7.87
CA LYS A 67 0.31 12.72 8.41
C LYS A 67 -0.94 12.52 7.49
N ALA A 68 -0.82 12.75 6.18
CA ALA A 68 -1.93 12.56 5.27
C ALA A 68 -2.50 11.16 5.35
N VAL A 69 -1.62 10.17 5.33
CA VAL A 69 -2.02 8.79 5.38
C VAL A 69 -2.77 8.52 6.68
N GLU A 70 -2.24 8.97 7.80
CA GLU A 70 -2.86 8.71 9.09
CA GLU A 70 -2.89 8.69 9.10
C GLU A 70 -4.26 9.36 9.18
N VAL A 71 -4.31 10.63 8.80
CA VAL A 71 -5.53 11.40 8.78
C VAL A 71 -6.54 10.83 7.78
N GLY A 72 -6.06 10.46 6.61
CA GLY A 72 -6.89 9.89 5.55
C GLY A 72 -7.55 8.62 6.02
N ARG A 73 -6.79 7.80 6.75
CA ARG A 73 -7.34 6.53 7.26
C ARG A 73 -8.31 6.75 8.37
N GLU A 74 -7.99 7.68 9.27
CA GLU A 74 -8.84 7.93 10.45
C GLU A 74 -10.18 8.46 9.99
N THR A 75 -10.16 9.32 8.96
CA THR A 75 -11.33 10.02 8.52
C THR A 75 -12.04 9.33 7.36
N ARG A 76 -11.51 8.19 6.92
CA ARG A 76 -12.06 7.44 5.80
C ARG A 76 -12.10 8.30 4.57
N ALA A 77 -11.06 9.09 4.36
CA ALA A 77 -10.95 9.89 3.14
C ALA A 77 -10.80 9.01 1.86
N ASP A 78 -10.93 9.66 0.71
CA ASP A 78 -10.84 8.99 -0.55
C ASP A 78 -9.46 8.29 -0.58
N TYR A 79 -9.50 6.97 -0.69
CA TYR A 79 -8.26 6.17 -0.69
C TYR A 79 -7.29 6.58 -1.81
N LYS A 80 -7.80 7.14 -2.91
CA LYS A 80 -6.92 7.63 -4.00
C LYS A 80 -5.99 8.76 -3.56
N LEU A 81 -6.46 9.58 -2.63
CA LEU A 81 -5.68 10.72 -2.09
C LEU A 81 -4.69 10.22 -1.06
N ILE A 82 -5.01 9.13 -0.39
CA ILE A 82 -4.02 8.43 0.43
C ILE A 82 -2.90 7.79 -0.47
N ALA A 83 -3.26 7.19 -1.60
CA ALA A 83 -2.28 6.68 -2.56
C ALA A 83 -1.33 7.79 -3.04
N LYS A 84 -1.90 8.96 -3.37
CA LYS A 84 -1.08 10.12 -3.79
C LYS A 84 -0.07 10.51 -2.73
N ALA A 85 -0.46 10.49 -1.45
CA ALA A 85 0.47 10.83 -0.39
C ALA A 85 1.62 9.85 -0.40
N MET A 86 1.27 8.58 -0.58
CA MET A 86 2.25 7.49 -0.58
C MET A 86 3.27 7.62 -1.72
N SER A 87 2.85 7.92 -2.94
CA SER A 87 3.75 8.09 -4.05
CA SER A 87 3.80 8.05 -4.00
C SER A 87 4.61 9.33 -3.85
N ARG A 88 4.00 10.38 -3.29
CA ARG A 88 4.76 11.62 -3.04
C ARG A 88 5.90 11.34 -2.08
N ALA A 89 5.59 10.61 -1.00
CA ALA A 89 6.60 10.17 -0.10
C ALA A 89 7.70 9.35 -0.78
N GLY A 90 7.34 8.46 -1.71
CA GLY A 90 8.30 7.69 -2.42
C GLY A 90 9.26 8.55 -3.22
N ASN A 91 8.69 9.51 -3.95
CA ASN A 91 9.48 10.46 -4.65
C ASN A 91 10.45 11.31 -3.77
N ALA A 92 9.95 11.76 -2.61
CA ALA A 92 10.77 12.48 -1.65
C ALA A 92 11.94 11.64 -1.15
N PHE A 93 11.73 10.34 -0.94
CA PHE A 93 12.78 9.40 -0.62
C PHE A 93 13.77 9.17 -1.74
N GLN A 94 13.31 9.08 -2.96
CA GLN A 94 14.25 9.07 -4.07
C GLN A 94 15.16 10.29 -4.10
N LYS A 95 14.61 11.44 -3.80
CA LYS A 95 15.38 12.66 -3.82
C LYS A 95 16.40 12.73 -2.68
N GLN A 96 16.20 11.92 -1.66
CA GLN A 96 17.15 11.73 -0.58
C GLN A 96 18.11 10.57 -0.85
N ASN A 97 18.14 10.04 -2.08
CA ASN A 97 18.98 8.89 -2.45
C ASN A 97 18.69 7.64 -1.59
N ASP A 98 17.44 7.47 -1.20
CA ASP A 98 17.05 6.35 -0.28
C ASP A 98 16.10 5.47 -1.05
N LEU A 99 16.68 4.54 -1.83
CA LEU A 99 15.85 3.69 -2.69
C LEU A 99 15.07 2.73 -1.86
N SER A 100 15.67 2.25 -0.78
CA SER A 100 14.99 1.26 0.04
C SER A 100 13.60 1.78 0.51
N LEU A 101 13.64 2.96 1.10
CA LEU A 101 12.44 3.64 1.62
C LEU A 101 11.52 4.09 0.47
N ALA A 102 12.09 4.58 -0.63
CA ALA A 102 11.32 4.98 -1.78
C ALA A 102 10.48 3.82 -2.24
N VAL A 103 11.11 2.67 -2.48
CA VAL A 103 10.39 1.49 -2.97
C VAL A 103 9.38 0.96 -1.91
N GLN A 104 9.69 1.04 -0.64
CA GLN A 104 8.68 0.66 0.40
C GLN A 104 7.40 1.51 0.19
N TRP A 105 7.57 2.81 -0.06
CA TRP A 105 6.45 3.72 -0.13
C TRP A 105 5.68 3.51 -1.46
N PHE A 106 6.41 3.32 -2.55
CA PHE A 106 5.80 3.11 -3.86
C PHE A 106 4.94 1.83 -3.86
N HIS A 107 5.44 0.76 -3.28
CA HIS A 107 4.65 -0.43 -3.12
C HIS A 107 3.39 -0.26 -2.28
N ARG A 108 3.48 0.46 -1.13
CA ARG A 108 2.28 0.95 -0.43
C ARG A 108 1.30 1.71 -1.31
N SER A 109 1.84 2.63 -2.10
CA SER A 109 1.01 3.42 -2.87
C SER A 109 0.28 2.59 -3.93
N LEU A 110 0.97 1.67 -4.58
CA LEU A 110 0.37 0.89 -5.62
C LEU A 110 -0.70 -0.03 -5.05
N SER A 111 -0.48 -0.50 -3.86
CA SER A 111 -1.46 -1.38 -3.22
C SER A 111 -2.69 -0.56 -2.82
N GLU A 112 -2.50 0.70 -2.49
CA GLU A 112 -3.63 1.57 -2.18
C GLU A 112 -4.48 1.89 -3.46
N PHE A 113 -3.79 2.21 -4.54
CA PHE A 113 -4.45 2.56 -5.80
C PHE A 113 -3.47 2.24 -6.95
N ARG A 114 -3.87 1.36 -7.87
CA ARG A 114 -2.96 0.87 -8.91
C ARG A 114 -2.71 1.97 -9.95
N ASP A 115 -1.61 2.68 -9.85
CA ASP A 115 -1.25 3.70 -10.85
C ASP A 115 -0.44 3.00 -11.96
N PRO A 116 -0.97 2.94 -13.18
CA PRO A 116 -0.25 2.13 -14.18
C PRO A 116 1.21 2.58 -14.46
N GLU A 117 1.46 3.87 -14.51
CA GLU A 117 2.81 4.41 -14.75
CA GLU A 117 2.82 4.30 -14.79
C GLU A 117 3.75 4.04 -13.58
N LEU A 118 3.24 4.13 -12.37
CA LEU A 118 4.07 3.80 -11.20
C LEU A 118 4.44 2.34 -11.20
N VAL A 119 3.54 1.46 -11.65
CA VAL A 119 3.85 0.03 -11.72
C VAL A 119 5.12 -0.17 -12.53
N LYS A 120 5.21 0.56 -13.64
CA LYS A 120 6.34 0.42 -14.53
C LYS A 120 7.61 1.00 -13.91
N LYS A 121 7.43 2.16 -13.31
CA LYS A 121 8.52 2.86 -12.62
C LYS A 121 9.14 1.99 -11.51
N VAL A 122 8.31 1.32 -10.73
CA VAL A 122 8.81 0.46 -9.65
C VAL A 122 9.56 -0.78 -10.16
N LYS A 123 9.04 -1.40 -11.21
CA LYS A 123 9.75 -2.51 -11.83
CA LYS A 123 9.72 -2.48 -11.97
C LYS A 123 11.15 -2.04 -12.29
N GLU A 124 11.25 -0.86 -12.92
CA GLU A 124 12.52 -0.30 -13.35
C GLU A 124 13.44 -0.09 -12.18
N LEU A 125 12.91 0.41 -11.08
CA LEU A 125 13.74 0.69 -9.88
C LEU A 125 14.21 -0.58 -9.20
N GLU A 126 13.47 -1.66 -9.35
CA GLU A 126 13.85 -2.94 -8.75
C GLU A 126 14.76 -3.79 -9.68
N LYS A 127 14.93 -3.39 -10.94
CA LYS A 127 15.83 -4.12 -11.87
C LYS A 127 17.22 -4.35 -11.31
N SER B 1 4.83 -30.13 -16.43
CA SER B 1 5.94 -29.69 -15.52
C SER B 1 7.25 -29.86 -16.29
N ASN B 2 8.33 -29.30 -15.75
CA ASN B 2 9.67 -29.52 -16.28
C ASN B 2 10.67 -29.37 -15.13
N ALA B 3 11.93 -29.33 -15.47
CA ALA B 3 13.00 -29.21 -14.50
C ALA B 3 12.86 -27.95 -13.67
N MET B 4 12.56 -26.82 -14.29
CA MET B 4 12.45 -25.56 -13.54
C MET B 4 11.25 -25.52 -12.58
N THR B 5 10.11 -26.03 -13.03
CA THR B 5 8.92 -26.03 -12.13
C THR B 5 9.14 -26.96 -10.93
N ASP B 6 9.73 -28.12 -11.16
CA ASP B 6 10.19 -29.00 -10.06
C ASP B 6 11.22 -28.38 -9.13
N ALA B 7 12.28 -27.81 -9.70
CA ALA B 7 13.30 -27.05 -8.88
C ALA B 7 12.62 -25.98 -7.95
N ALA B 8 11.62 -25.31 -8.48
CA ALA B 8 10.94 -24.22 -7.73
C ALA B 8 10.16 -24.81 -6.57
N ILE B 9 9.47 -25.94 -6.83
CA ILE B 9 8.79 -26.64 -5.73
C ILE B 9 9.76 -27.06 -4.67
N ALA B 10 10.93 -27.58 -5.04
CA ALA B 10 11.89 -27.95 -4.01
C ALA B 10 12.35 -26.76 -3.15
N GLU B 11 12.52 -25.59 -3.78
CA GLU B 11 12.83 -24.36 -3.01
C GLU B 11 11.67 -23.99 -2.10
N LYS B 12 10.44 -24.16 -2.57
CA LYS B 12 9.29 -23.86 -1.76
C LYS B 12 9.32 -24.75 -0.53
N ASP B 13 9.65 -26.02 -0.69
CA ASP B 13 9.70 -26.92 0.47
C ASP B 13 10.75 -26.50 1.50
N LEU B 14 11.89 -25.98 1.03
CA LEU B 14 12.94 -25.46 1.94
C LEU B 14 12.48 -24.22 2.71
N GLY B 15 11.76 -23.36 2.02
CA GLY B 15 11.04 -22.22 2.63
C GLY B 15 10.07 -22.64 3.75
N ASN B 16 9.26 -23.67 3.47
CA ASN B 16 8.26 -24.15 4.40
C ASN B 16 8.94 -24.71 5.63
N ALA B 17 10.06 -25.41 5.44
CA ALA B 17 10.75 -26.01 6.55
C ALA B 17 11.37 -24.89 7.42
N ALA B 18 11.95 -23.88 6.79
CA ALA B 18 12.48 -22.71 7.51
C ALA B 18 11.34 -22.02 8.32
N TYR B 19 10.15 -21.87 7.72
CA TYR B 19 9.00 -21.30 8.44
C TYR B 19 8.70 -22.11 9.67
N LYS B 20 8.65 -23.45 9.54
CA LYS B 20 8.43 -24.38 10.66
CA LYS B 20 8.37 -24.31 10.69
C LYS B 20 9.39 -24.14 11.82
N GLN B 21 10.57 -23.55 11.54
CA GLN B 21 11.60 -23.35 12.55
C GLN B 21 11.59 -21.93 13.03
N LYS B 22 10.61 -21.18 12.55
CA LYS B 22 10.44 -19.75 12.75
C LYS B 22 11.66 -18.96 12.29
N ASP B 23 12.28 -19.38 11.18
CA ASP B 23 13.35 -18.60 10.58
C ASP B 23 12.76 -17.93 9.38
N PHE B 24 12.11 -16.79 9.61
CA PHE B 24 11.34 -16.15 8.59
C PHE B 24 12.24 -15.58 7.50
N GLU B 25 13.40 -15.03 7.83
CA GLU B 25 14.32 -14.50 6.80
CA GLU B 25 14.29 -14.50 6.79
C GLU B 25 14.68 -15.63 5.83
N LYS B 26 14.94 -16.80 6.37
CA LYS B 26 15.38 -17.92 5.56
C LYS B 26 14.22 -18.46 4.73
N ALA B 27 13.01 -18.49 5.32
CA ALA B 27 11.80 -18.83 4.56
C ALA B 27 11.71 -17.96 3.32
N HIS B 28 11.75 -16.63 3.45
CA HIS B 28 11.69 -15.75 2.29
C HIS B 28 12.80 -15.93 1.30
N VAL B 29 13.99 -16.24 1.78
CA VAL B 29 15.14 -16.55 0.88
C VAL B 29 14.73 -17.65 -0.13
N HIS B 30 14.18 -18.73 0.40
CA HIS B 30 13.83 -19.86 -0.44
C HIS B 30 12.61 -19.63 -1.26
N TYR B 31 11.62 -18.91 -0.73
CA TYR B 31 10.42 -18.65 -1.52
C TYR B 31 10.81 -17.77 -2.69
N ASP B 32 11.77 -16.86 -2.43
CA ASP B 32 12.26 -16.00 -3.47
C ASP B 32 12.98 -16.78 -4.59
N LYS B 33 13.77 -17.79 -4.18
CA LYS B 33 14.45 -18.66 -5.12
C LYS B 33 13.39 -19.40 -5.97
N ALA B 34 12.32 -19.86 -5.30
CA ALA B 34 11.23 -20.55 -5.96
C ALA B 34 10.60 -19.69 -7.04
N ILE B 35 10.38 -18.42 -6.71
CA ILE B 35 9.76 -17.46 -7.62
C ILE B 35 10.70 -17.15 -8.78
N GLU B 36 12.01 -17.15 -8.52
CA GLU B 36 13.00 -16.97 -9.61
C GLU B 36 12.91 -18.07 -10.64
N LEU B 37 12.73 -19.28 -10.12
CA LEU B 37 12.71 -20.50 -10.94
C LEU B 37 11.38 -20.69 -11.67
N ASP B 38 10.27 -20.36 -11.00
CA ASP B 38 8.93 -20.54 -11.54
C ASP B 38 8.01 -19.44 -11.01
N PRO B 39 7.95 -18.32 -11.68
CA PRO B 39 7.10 -17.21 -11.19
C PRO B 39 5.61 -17.37 -11.45
N SER B 40 5.20 -18.46 -12.10
CA SER B 40 3.82 -18.72 -12.41
CA SER B 40 3.79 -18.71 -12.39
C SER B 40 3.14 -19.66 -11.42
N ASN B 41 3.73 -19.85 -10.26
CA ASN B 41 3.08 -20.74 -9.25
C ASN B 41 2.59 -19.90 -8.06
N ILE B 42 1.25 -19.82 -7.94
CA ILE B 42 0.53 -19.00 -6.94
C ILE B 42 0.95 -19.32 -5.52
N THR B 43 1.34 -20.56 -5.30
CA THR B 43 1.60 -21.05 -3.94
C THR B 43 2.72 -20.27 -3.30
N PHE B 44 3.69 -19.87 -4.12
CA PHE B 44 4.89 -19.23 -3.56
C PHE B 44 4.54 -17.82 -3.02
N TYR B 45 3.75 -17.11 -3.81
CA TYR B 45 3.25 -15.79 -3.40
C TYR B 45 2.35 -15.88 -2.16
N ASN B 46 1.39 -16.79 -2.14
CA ASN B 46 0.56 -16.98 -0.97
C ASN B 46 1.37 -17.32 0.26
N ASN B 47 2.38 -18.18 0.10
CA ASN B 47 3.15 -18.60 1.28
C ASN B 47 3.97 -17.40 1.76
N LYS B 48 4.55 -16.59 0.86
CA LYS B 48 5.29 -15.39 1.32
C LYS B 48 4.33 -14.42 2.06
N ALA B 49 3.15 -14.21 1.48
CA ALA B 49 2.11 -13.41 2.14
C ALA B 49 1.80 -13.86 3.51
N ALA B 50 1.58 -15.17 3.70
CA ALA B 50 1.25 -15.69 4.99
C ALA B 50 2.33 -15.42 5.99
N VAL B 51 3.59 -15.57 5.55
CA VAL B 51 4.73 -15.39 6.49
C VAL B 51 4.80 -13.88 6.85
N TYR B 52 4.59 -13.01 5.88
CA TYR B 52 4.67 -11.61 6.18
C TYR B 52 3.58 -11.16 7.12
N PHE B 53 2.43 -11.82 7.07
CA PHE B 53 1.31 -11.46 7.93
C PHE B 53 1.68 -11.89 9.35
N GLU B 54 2.28 -13.07 9.46
CA GLU B 54 2.78 -13.53 10.81
C GLU B 54 3.91 -12.64 11.38
N GLU B 55 4.77 -12.11 10.52
CA GLU B 55 5.76 -11.07 10.86
C GLU B 55 5.21 -9.66 11.16
N LYS B 56 3.91 -9.43 11.00
CA LYS B 56 3.37 -8.08 11.04
C LYS B 56 3.89 -7.16 9.95
N LYS B 57 4.27 -7.67 8.79
CA LYS B 57 4.74 -6.81 7.70
C LYS B 57 3.54 -6.80 6.78
N PHE B 58 2.56 -6.02 7.19
CA PHE B 58 1.25 -6.09 6.55
C PHE B 58 1.26 -5.51 5.20
N ALA B 59 2.07 -4.50 4.95
CA ALA B 59 2.09 -3.88 3.60
C ALA B 59 2.68 -4.92 2.61
N GLU B 60 3.78 -5.56 3.01
CA GLU B 60 4.39 -6.64 2.19
CA GLU B 60 4.37 -6.62 2.16
C GLU B 60 3.43 -7.81 1.99
N CYS B 61 2.69 -8.18 3.04
CA CYS B 61 1.65 -9.17 2.88
C CYS B 61 0.70 -8.80 1.71
N VAL B 62 0.16 -7.56 1.67
CA VAL B 62 -0.78 -7.16 0.68
C VAL B 62 -0.13 -7.24 -0.69
N GLN B 63 1.11 -6.83 -0.79
CA GLN B 63 1.81 -6.82 -2.09
C GLN B 63 1.87 -8.23 -2.68
N PHE B 64 2.13 -9.21 -1.83
CA PHE B 64 2.21 -10.59 -2.27
C PHE B 64 0.86 -11.30 -2.46
N CYS B 65 -0.18 -10.82 -1.75
CA CYS B 65 -1.54 -11.27 -2.05
C CYS B 65 -1.92 -10.81 -3.43
N GLU B 66 -1.55 -9.63 -3.72
CA GLU B 66 -1.91 -9.09 -5.06
C GLU B 66 -1.25 -9.87 -6.21
N LYS B 67 0.06 -10.15 -6.04
CA LYS B 67 0.80 -10.98 -6.98
C LYS B 67 0.11 -12.33 -7.10
N ALA B 68 -0.28 -12.93 -5.98
CA ALA B 68 -0.91 -14.21 -6.10
C ALA B 68 -2.22 -14.20 -6.88
N VAL B 69 -3.03 -13.15 -6.69
CA VAL B 69 -4.24 -12.98 -7.45
C VAL B 69 -3.93 -12.82 -8.96
N GLU B 70 -2.96 -12.00 -9.30
CA GLU B 70 -2.65 -11.80 -10.68
CA GLU B 70 -2.62 -11.80 -10.70
C GLU B 70 -2.12 -13.09 -11.36
N VAL B 71 -1.17 -13.74 -10.72
CA VAL B 71 -0.62 -15.00 -11.17
C VAL B 71 -1.67 -16.14 -11.17
N GLY B 72 -2.40 -16.29 -10.08
CA GLY B 72 -3.47 -17.29 -9.97
C GLY B 72 -4.46 -17.14 -11.13
N ARG B 73 -4.85 -15.91 -11.44
CA ARG B 73 -5.69 -15.69 -12.61
C ARG B 73 -5.08 -16.04 -13.97
N GLU B 74 -3.84 -15.59 -14.21
CA GLU B 74 -3.14 -15.83 -15.48
C GLU B 74 -3.00 -17.35 -15.67
N THR B 75 -2.74 -18.08 -14.60
CA THR B 75 -2.49 -19.55 -14.67
C THR B 75 -3.73 -20.46 -14.42
N ARG B 76 -4.88 -19.84 -14.19
CA ARG B 76 -6.15 -20.52 -14.01
CA ARG B 76 -6.15 -20.49 -13.99
C ARG B 76 -6.07 -21.41 -12.80
N ALA B 77 -5.40 -20.93 -11.77
CA ALA B 77 -5.35 -21.66 -10.50
C ALA B 77 -6.73 -21.79 -9.87
N ASP B 78 -6.81 -22.69 -8.90
CA ASP B 78 -8.02 -22.92 -8.12
C ASP B 78 -8.53 -21.59 -7.56
N TYR B 79 -9.76 -21.26 -7.95
CA TYR B 79 -10.37 -19.97 -7.54
C TYR B 79 -10.42 -19.82 -6.03
N LYS B 80 -10.49 -20.92 -5.28
CA LYS B 80 -10.45 -20.76 -3.85
C LYS B 80 -9.12 -20.22 -3.34
N LEU B 81 -8.02 -20.46 -4.03
CA LEU B 81 -6.71 -19.98 -3.52
C LEU B 81 -6.51 -18.49 -3.82
N ILE B 82 -7.19 -18.04 -4.85
CA ILE B 82 -7.25 -16.65 -5.17
C ILE B 82 -8.16 -15.92 -4.13
N ALA B 83 -9.33 -16.48 -3.83
CA ALA B 83 -10.21 -15.97 -2.76
C ALA B 83 -9.43 -15.85 -1.45
N LYS B 84 -8.56 -16.81 -1.16
CA LYS B 84 -7.84 -16.85 0.14
C LYS B 84 -6.83 -15.67 0.09
N ALA B 85 -6.24 -15.38 -1.08
CA ALA B 85 -5.26 -14.29 -1.16
C ALA B 85 -5.99 -13.00 -0.85
N MET B 86 -7.17 -12.86 -1.46
CA MET B 86 -7.98 -11.69 -1.33
C MET B 86 -8.44 -11.48 0.12
N SER B 87 -8.88 -12.49 0.80
CA SER B 87 -9.30 -12.33 2.18
CA SER B 87 -9.30 -12.27 2.18
C SER B 87 -8.08 -11.95 3.10
N ARG B 88 -6.91 -12.56 2.82
CA ARG B 88 -5.69 -12.23 3.57
C ARG B 88 -5.30 -10.78 3.35
N ALA B 89 -5.42 -10.28 2.11
CA ALA B 89 -5.17 -8.92 1.84
C ALA B 89 -6.10 -7.97 2.64
N GLY B 90 -7.40 -8.30 2.68
CA GLY B 90 -8.34 -7.55 3.45
C GLY B 90 -7.92 -7.50 4.94
N ASN B 91 -7.50 -8.63 5.48
CA ASN B 91 -7.11 -8.70 6.88
C ASN B 91 -5.84 -7.88 7.17
N ALA B 92 -4.92 -7.88 6.20
CA ALA B 92 -3.70 -7.12 6.28
C ALA B 92 -4.00 -5.63 6.29
N PHE B 93 -5.03 -5.23 5.52
CA PHE B 93 -5.45 -3.82 5.43
C PHE B 93 -6.13 -3.42 6.71
N GLN B 94 -6.84 -4.35 7.34
CA GLN B 94 -7.49 -4.09 8.58
C GLN B 94 -6.43 -3.80 9.65
N LYS B 95 -5.34 -4.54 9.62
CA LYS B 95 -4.27 -4.39 10.60
C LYS B 95 -3.47 -3.13 10.32
N GLN B 96 -3.63 -2.50 9.13
CA GLN B 96 -3.02 -1.24 8.85
C GLN B 96 -4.01 -0.06 9.10
N ASN B 97 -5.17 -0.37 9.71
CA ASN B 97 -6.25 0.60 9.94
C ASN B 97 -6.78 1.26 8.68
N ASP B 98 -6.88 0.50 7.61
CA ASP B 98 -7.40 1.04 6.34
C ASP B 98 -8.65 0.28 6.03
N LEU B 99 -9.77 0.74 6.57
CA LEU B 99 -11.00 -0.02 6.45
CA LEU B 99 -11.06 0.03 6.45
C LEU B 99 -11.58 0.07 5.02
N SER B 100 -11.31 1.17 4.32
CA SER B 100 -11.82 1.24 2.95
C SER B 100 -11.24 0.13 2.08
N LEU B 101 -9.94 0.01 2.09
CA LEU B 101 -9.24 -1.05 1.35
C LEU B 101 -9.55 -2.43 1.89
N ALA B 102 -9.63 -2.57 3.21
CA ALA B 102 -10.02 -3.86 3.78
C ALA B 102 -11.39 -4.34 3.20
N VAL B 103 -12.41 -3.50 3.27
CA VAL B 103 -13.71 -3.83 2.76
C VAL B 103 -13.70 -4.03 1.24
N GLN B 104 -12.92 -3.25 0.50
CA GLN B 104 -12.77 -3.53 -0.96
C GLN B 104 -12.27 -4.96 -1.21
N TRP B 105 -11.28 -5.39 -0.46
CA TRP B 105 -10.71 -6.72 -0.66
C TRP B 105 -11.62 -7.83 -0.21
N PHE B 106 -12.35 -7.59 0.87
CA PHE B 106 -13.26 -8.62 1.41
C PHE B 106 -14.41 -8.81 0.43
N HIS B 107 -14.92 -7.72 -0.14
CA HIS B 107 -15.97 -7.88 -1.15
C HIS B 107 -15.48 -8.63 -2.39
N ARG B 108 -14.26 -8.31 -2.87
CA ARG B 108 -13.67 -9.12 -3.92
C ARG B 108 -13.54 -10.59 -3.51
N SER B 109 -13.07 -10.84 -2.30
CA SER B 109 -12.92 -12.21 -1.84
C SER B 109 -14.26 -12.95 -1.88
N LEU B 110 -15.35 -12.29 -1.42
CA LEU B 110 -16.65 -12.88 -1.39
C LEU B 110 -17.20 -13.10 -2.80
N SER B 111 -16.89 -12.20 -3.72
CA SER B 111 -17.30 -12.42 -5.13
C SER B 111 -16.54 -13.63 -5.76
N GLU B 112 -15.34 -13.88 -5.29
CA GLU B 112 -14.53 -15.01 -5.81
C GLU B 112 -15.04 -16.34 -5.20
N PHE B 113 -15.28 -16.33 -3.91
CA PHE B 113 -15.85 -17.51 -3.25
C PHE B 113 -16.68 -17.08 -2.06
N ARG B 114 -17.95 -17.43 -2.03
CA ARG B 114 -18.84 -16.88 -1.00
C ARG B 114 -18.73 -17.67 0.34
N ASP B 115 -17.79 -17.27 1.17
CA ASP B 115 -17.60 -17.86 2.50
C ASP B 115 -18.57 -17.25 3.47
N PRO B 116 -19.47 -18.06 4.08
CA PRO B 116 -20.46 -17.51 5.03
C PRO B 116 -19.84 -16.74 6.24
N GLU B 117 -18.70 -17.18 6.75
CA GLU B 117 -18.06 -16.48 7.88
C GLU B 117 -17.55 -15.10 7.50
N LEU B 118 -17.06 -14.96 6.30
CA LEU B 118 -16.58 -13.66 5.87
C LEU B 118 -17.76 -12.75 5.53
N VAL B 119 -18.85 -13.32 5.00
CA VAL B 119 -20.08 -12.54 4.81
C VAL B 119 -20.53 -11.86 6.11
N LYS B 120 -20.49 -12.61 7.20
CA LYS B 120 -20.92 -12.09 8.50
C LYS B 120 -19.95 -11.02 8.95
N LYS B 121 -18.67 -11.25 8.69
CA LYS B 121 -17.63 -10.35 9.15
C LYS B 121 -17.77 -9.01 8.40
N VAL B 122 -18.02 -9.07 7.09
CA VAL B 122 -18.13 -7.87 6.30
C VAL B 122 -19.36 -7.07 6.70
N LYS B 123 -20.45 -7.79 6.90
CA LYS B 123 -21.67 -7.14 7.37
C LYS B 123 -21.36 -6.29 8.63
N GLU B 124 -20.79 -6.94 9.65
CA GLU B 124 -20.46 -6.26 10.88
C GLU B 124 -19.54 -5.07 10.61
N LEU B 125 -18.60 -5.17 9.69
CA LEU B 125 -17.71 -4.03 9.36
C LEU B 125 -18.38 -2.87 8.60
N GLU B 126 -19.57 -3.10 8.04
CA GLU B 126 -20.27 -2.02 7.32
C GLU B 126 -21.51 -1.46 8.01
N LYS B 127 -21.56 -1.57 9.33
CA LYS B 127 -22.58 -0.86 10.11
C LYS B 127 -21.86 -0.09 11.20
#